data_3VV1
#
_entry.id   3VV1
#
_cell.length_a   69.323
_cell.length_b   69.323
_cell.length_c   120.131
_cell.angle_alpha   90.000
_cell.angle_beta   90.000
_cell.angle_gamma   120.000
#
_symmetry.space_group_name_H-M   'P 63'
#
loop_
_entity.id
_entity.type
_entity.pdbx_description
1 polymer 'Protein LEC-6'
2 branched beta-D-galactopyranose-(1-4)-alpha-L-fucopyranose
3 non-polymer 'MAGNESIUM ION'
4 water water
#
_entity_poly.entity_id   1
_entity_poly.type   'polypeptide(L)'
_entity_poly.pdbx_seq_one_letter_code
;MDYKDDDDKAAAGSMIGGGIGISFRNEFFNPQTPVNIPVQGFSNGARLRLVLLPTSADSRFHINLRTPDDIVLHFNARFD
EGAVVNNSTSGGGWQSEDRHANPFQQNKIYTLEFVSNGGIISIFVNGAHFADFVERTPSHGVHLIEIEGGVHVHSAHVSH
;
_entity_poly.pdbx_strand_id   A,B
#
loop_
_chem_comp.id
_chem_comp.type
_chem_comp.name
_chem_comp.formula
FUC L-saccharide, alpha linking alpha-L-fucopyranose 'C6 H12 O5'
GAL D-saccharide, beta linking beta-D-galactopyranose 'C6 H12 O6'
MG non-polymer 'MAGNESIUM ION' 'Mg 2'
#
# COMPACT_ATOMS: atom_id res chain seq x y z
N ILE A 20 -0.37 6.28 9.28
CA ILE A 20 0.21 5.91 7.94
C ILE A 20 -0.83 5.11 7.17
N GLY A 21 -1.28 5.66 6.05
CA GLY A 21 -2.33 5.04 5.25
C GLY A 21 -1.78 4.22 4.11
N ILE A 22 -2.51 3.14 3.82
CA ILE A 22 -2.15 2.28 2.68
C ILE A 22 -3.36 2.26 1.75
N SER A 23 -3.13 1.75 0.55
CA SER A 23 -4.14 1.73 -0.50
C SER A 23 -4.33 0.33 -1.09
N PHE A 24 -5.60 0.00 -1.35
CA PHE A 24 -5.93 -1.31 -1.98
C PHE A 24 -5.40 -1.36 -3.41
N ARG A 25 -5.06 -0.20 -3.98
CA ARG A 25 -4.47 -0.16 -5.33
C ARG A 25 -3.01 0.26 -5.30
N ASN A 26 -2.42 0.38 -4.10
CA ASN A 26 -1.01 0.81 -3.94
C ASN A 26 -0.67 2.06 -4.75
N GLU A 27 -1.61 2.98 -4.76
CA GLU A 27 -1.45 4.21 -5.50
C GLU A 27 -1.97 5.41 -4.74
N PHE A 28 -1.23 6.53 -4.86
CA PHE A 28 -1.60 7.76 -4.13
C PHE A 28 -1.57 8.95 -5.07
N PHE A 29 -2.48 9.86 -4.84
CA PHE A 29 -2.61 11.07 -5.67
C PHE A 29 -2.27 12.34 -4.88
N ASN A 30 -1.63 13.29 -5.59
CA ASN A 30 -1.24 14.57 -4.98
C ASN A 30 -0.54 14.44 -3.62
N PRO A 31 0.46 13.58 -3.52
CA PRO A 31 1.25 13.63 -2.22
C PRO A 31 2.09 14.95 -2.23
N GLN A 32 2.30 15.61 -1.11
CA GLN A 32 3.15 16.86 -1.04
C GLN A 32 4.68 16.63 -1.20
N THR A 33 5.40 17.50 -1.95
CA THR A 33 6.89 17.36 -2.07
C THR A 33 7.46 18.16 -0.88
N PRO A 34 8.48 17.63 -0.16
CA PRO A 34 9.13 16.32 -0.33
C PRO A 34 8.21 15.17 0.16
N VAL A 35 8.12 14.18 -0.70
CA VAL A 35 7.31 12.94 -0.57
C VAL A 35 8.32 11.89 -0.07
N ASN A 36 7.93 11.09 0.90
CA ASN A 36 8.81 10.11 1.48
C ASN A 36 7.92 8.89 1.81
N ILE A 37 8.01 7.83 0.98
CA ILE A 37 6.97 6.78 1.03
C ILE A 37 7.63 5.41 1.27
N PRO A 38 7.28 4.77 2.41
CA PRO A 38 7.85 3.44 2.68
C PRO A 38 7.46 2.43 1.60
N VAL A 39 8.32 1.44 1.37
CA VAL A 39 8.02 0.37 0.41
C VAL A 39 8.77 -0.87 0.87
N GLN A 40 8.20 -2.05 0.61
CA GLN A 40 8.83 -3.30 1.06
C GLN A 40 9.73 -3.86 -0.06
N GLY A 41 10.92 -3.27 -0.17
CA GLY A 41 11.91 -3.68 -1.15
C GLY A 41 11.56 -3.10 -2.54
N PHE A 42 12.53 -3.19 -3.44
CA PHE A 42 12.24 -2.74 -4.81
C PHE A 42 13.05 -3.62 -5.77
N SER A 43 12.64 -4.88 -5.88
CA SER A 43 13.41 -5.83 -6.70
C SER A 43 12.41 -6.83 -7.29
N ASN A 44 12.94 -7.87 -7.94
CA ASN A 44 12.06 -8.97 -8.45
C ASN A 44 10.87 -8.48 -9.25
N GLY A 45 11.14 -7.48 -10.08
CA GLY A 45 10.17 -6.96 -11.00
C GLY A 45 9.32 -5.83 -10.49
N ALA A 46 9.64 -5.32 -9.30
CA ALA A 46 8.89 -4.14 -8.77
C ALA A 46 8.88 -2.99 -9.78
N ARG A 47 7.77 -2.26 -9.85
CA ARG A 47 7.64 -1.13 -10.74
C ARG A 47 7.12 0.05 -9.94
N LEU A 48 7.75 1.21 -10.11
CA LEU A 48 7.28 2.45 -9.54
C LEU A 48 6.87 3.36 -10.72
N ARG A 49 5.62 3.82 -10.74
CA ARG A 49 5.12 4.69 -11.78
C ARG A 49 4.76 6.02 -11.14
N LEU A 50 5.33 7.12 -11.68
CA LEU A 50 5.07 8.46 -11.18
C LEU A 50 4.49 9.28 -12.29
N VAL A 51 3.48 10.09 -12.00
CA VAL A 51 3.08 11.10 -13.03
C VAL A 51 3.52 12.40 -12.40
N LEU A 52 4.37 13.11 -13.10
CA LEU A 52 5.10 14.25 -12.53
C LEU A 52 5.06 15.47 -13.42
N LEU A 53 5.17 16.64 -12.81
CA LEU A 53 5.27 17.91 -13.54
C LEU A 53 6.49 18.65 -12.96
N PRO A 54 7.62 18.70 -13.68
CA PRO A 54 8.76 19.46 -13.17
C PRO A 54 8.34 20.92 -13.10
N THR A 55 8.78 21.64 -12.06
CA THR A 55 8.36 23.05 -11.86
C THR A 55 9.57 23.96 -11.97
N SER A 56 9.32 25.27 -12.04
CA SER A 56 10.39 26.27 -12.05
C SER A 56 10.79 26.67 -10.62
N ALA A 57 10.28 25.98 -9.60
CA ALA A 57 10.62 26.34 -8.19
C ALA A 57 12.08 25.99 -7.79
N ASP A 58 12.65 25.01 -8.47
CA ASP A 58 14.06 24.69 -8.32
C ASP A 58 14.55 24.21 -9.68
N SER A 59 15.87 24.33 -9.89
CA SER A 59 16.45 23.90 -11.15
C SER A 59 16.70 22.38 -11.23
N ARG A 60 16.47 21.67 -10.12
CA ARG A 60 16.62 20.20 -10.10
C ARG A 60 15.50 19.53 -9.36
N PHE A 61 15.34 18.23 -9.62
CA PHE A 61 14.53 17.42 -8.74
C PHE A 61 15.15 16.05 -8.75
N HIS A 62 14.84 15.26 -7.74
CA HIS A 62 15.35 13.89 -7.76
C HIS A 62 14.39 12.91 -7.15
N ILE A 63 14.58 11.62 -7.53
CA ILE A 63 13.92 10.49 -6.87
C ILE A 63 15.04 9.66 -6.28
N ASN A 64 14.95 9.35 -5.00
CA ASN A 64 15.89 8.37 -4.33
C ASN A 64 15.17 7.08 -3.99
N LEU A 65 15.76 5.94 -4.37
CA LEU A 65 15.31 4.63 -3.89
C LEU A 65 16.33 4.26 -2.82
N ARG A 66 15.93 4.32 -1.56
CA ARG A 66 16.88 4.29 -0.42
C ARG A 66 16.69 2.99 0.35
N THR A 67 17.79 2.40 0.81
CA THR A 67 17.74 1.36 1.87
C THR A 67 17.98 2.10 3.21
N PRO A 68 17.92 1.40 4.34
CA PRO A 68 18.24 2.09 5.61
C PRO A 68 19.67 2.63 5.63
N ASP A 69 20.58 2.06 4.82
CA ASP A 69 22.01 2.41 4.91
C ASP A 69 22.51 3.27 3.75
N ASP A 70 21.80 3.25 2.59
CA ASP A 70 22.40 3.86 1.40
C ASP A 70 21.37 4.22 0.39
N ILE A 71 21.76 4.99 -0.63
CA ILE A 71 20.86 5.27 -1.75
C ILE A 71 21.18 4.28 -2.89
N VAL A 72 20.25 3.39 -3.21
CA VAL A 72 20.50 2.44 -4.33
C VAL A 72 20.46 3.16 -5.68
N LEU A 73 19.50 4.08 -5.86
CA LEU A 73 19.47 4.92 -7.05
C LEU A 73 19.01 6.31 -6.73
N HIS A 74 19.85 7.30 -7.13
CA HIS A 74 19.48 8.71 -7.05
C HIS A 74 19.36 9.09 -8.50
N PHE A 75 18.13 9.45 -8.91
CA PHE A 75 17.83 9.84 -10.31
C PHE A 75 17.61 11.36 -10.27
N ASN A 76 18.51 12.13 -10.86
CA ASN A 76 18.47 13.61 -10.64
C ASN A 76 18.33 14.32 -11.99
N ALA A 77 17.18 14.91 -12.20
CA ALA A 77 16.97 15.76 -13.37
C ALA A 77 17.56 17.14 -13.06
N ARG A 78 18.41 17.66 -13.95
CA ARG A 78 19.10 18.94 -13.73
C ARG A 78 18.82 19.87 -14.92
N PHE A 79 17.94 20.84 -14.71
CA PHE A 79 17.67 21.84 -15.75
C PHE A 79 18.80 22.86 -15.84
N ASP A 80 19.59 23.02 -14.76
CA ASP A 80 20.69 23.96 -14.78
C ASP A 80 21.84 23.39 -15.64
N GLU A 81 22.04 22.07 -15.56
CA GLU A 81 23.11 21.40 -16.34
C GLU A 81 22.61 20.79 -17.67
N GLY A 82 21.31 20.71 -17.89
CA GLY A 82 20.77 20.04 -19.09
C GLY A 82 21.10 18.54 -19.13
N ALA A 83 20.87 17.84 -18.00
CA ALA A 83 21.23 16.43 -17.92
C ALA A 83 20.40 15.74 -16.91
N VAL A 84 20.32 14.42 -17.05
CA VAL A 84 19.98 13.54 -15.91
C VAL A 84 21.22 12.91 -15.37
N VAL A 85 21.39 12.90 -14.03
CA VAL A 85 22.55 12.24 -13.42
C VAL A 85 22.00 11.12 -12.56
N ASN A 86 22.44 9.88 -12.78
CA ASN A 86 22.12 8.80 -11.89
C ASN A 86 23.34 8.44 -11.05
N ASN A 87 23.13 8.20 -9.78
CA ASN A 87 24.23 7.72 -8.94
C ASN A 87 23.65 6.96 -7.77
N SER A 88 24.53 6.61 -6.85
CA SER A 88 24.15 5.80 -5.69
C SER A 88 25.20 6.05 -4.62
N THR A 89 24.90 5.63 -3.39
CA THR A 89 25.90 5.68 -2.35
C THR A 89 26.22 4.29 -1.80
N SER A 90 27.43 4.14 -1.31
CA SER A 90 27.79 2.95 -0.56
C SER A 90 28.57 3.38 0.62
N GLY A 91 28.17 2.96 1.83
CA GLY A 91 28.78 3.45 3.06
C GLY A 91 28.67 4.97 3.16
N GLY A 92 27.62 5.50 2.51
CA GLY A 92 27.26 6.87 2.54
C GLY A 92 27.99 7.79 1.57
N GLY A 93 28.96 7.25 0.83
CA GLY A 93 29.66 8.04 -0.17
C GLY A 93 29.14 7.84 -1.61
N TRP A 94 29.00 8.94 -2.35
CA TRP A 94 28.61 8.86 -3.75
C TRP A 94 29.58 8.07 -4.56
N GLN A 95 29.01 7.31 -5.49
CA GLN A 95 29.83 6.48 -6.36
C GLN A 95 29.97 7.18 -7.71
N SER A 96 30.14 6.45 -8.82
CA SER A 96 30.34 7.05 -10.14
C SER A 96 29.02 7.51 -10.76
N GLU A 97 29.01 8.73 -11.32
CA GLU A 97 27.79 9.21 -11.96
C GLU A 97 27.63 8.58 -13.37
N ASP A 98 26.38 8.25 -13.69
CA ASP A 98 25.98 8.00 -15.08
C ASP A 98 25.28 9.27 -15.55
N ARG A 99 25.70 9.83 -16.67
CA ARG A 99 25.06 11.05 -17.17
C ARG A 99 24.30 10.76 -18.43
N HIS A 100 23.09 11.31 -18.55
CA HIS A 100 22.18 11.11 -19.71
C HIS A 100 21.66 12.44 -20.12
N ALA A 101 21.06 12.47 -21.28
CA ALA A 101 20.34 13.66 -21.69
C ALA A 101 19.16 13.87 -20.74
N ASN A 102 18.66 15.10 -20.71
CA ASN A 102 17.50 15.41 -19.87
C ASN A 102 16.24 15.25 -20.73
N PRO A 103 15.40 14.26 -20.41
CA PRO A 103 14.24 14.03 -21.25
C PRO A 103 13.07 14.94 -20.86
N PHE A 104 13.25 15.75 -19.82
CA PHE A 104 12.12 16.54 -19.31
C PHE A 104 12.19 18.00 -19.71
N GLN A 105 11.03 18.61 -19.77
CA GLN A 105 10.92 20.08 -19.87
C GLN A 105 10.10 20.52 -18.68
N GLN A 106 10.48 21.67 -18.10
CA GLN A 106 9.67 22.23 -17.01
C GLN A 106 8.26 22.53 -17.51
N ASN A 107 7.29 22.31 -16.62
CA ASN A 107 5.88 22.67 -16.89
C ASN A 107 5.22 21.76 -17.97
N LYS A 108 5.81 20.60 -18.24
CA LYS A 108 5.13 19.52 -19.02
C LYS A 108 4.91 18.29 -18.12
N ILE A 109 3.95 17.43 -18.47
CA ILE A 109 3.60 16.29 -17.67
C ILE A 109 4.31 15.05 -18.21
N TYR A 110 4.86 14.24 -17.30
CA TYR A 110 5.56 13.00 -17.71
C TYR A 110 5.12 11.85 -16.85
N THR A 111 5.05 10.68 -17.46
CA THR A 111 4.92 9.44 -16.76
C THR A 111 6.30 8.80 -16.69
N LEU A 112 6.81 8.69 -15.48
CA LEU A 112 8.21 8.16 -15.25
C LEU A 112 8.12 6.88 -14.50
N GLU A 113 8.70 5.84 -15.08
CA GLU A 113 8.62 4.52 -14.42
C GLU A 113 9.98 3.95 -14.20
N PHE A 114 10.15 3.28 -13.07
CA PHE A 114 11.36 2.54 -12.75
C PHE A 114 10.92 1.06 -12.59
N VAL A 115 11.73 0.16 -13.13
CA VAL A 115 11.40 -1.30 -13.05
C VAL A 115 12.67 -1.99 -12.63
N SER A 116 12.62 -2.75 -11.54
CA SER A 116 13.85 -3.37 -11.00
C SER A 116 13.84 -4.85 -11.09
N ASN A 117 14.82 -5.40 -11.76
CA ASN A 117 14.93 -6.86 -11.87
C ASN A 117 16.33 -7.27 -12.26
N GLY A 118 16.82 -8.28 -11.55
CA GLY A 118 18.13 -8.89 -11.89
C GLY A 118 19.25 -7.88 -11.80
N GLY A 119 19.10 -6.93 -10.90
CA GLY A 119 20.16 -5.97 -10.64
C GLY A 119 20.18 -4.79 -11.61
N ILE A 120 19.20 -4.71 -12.51
CA ILE A 120 19.10 -3.58 -13.43
C ILE A 120 17.83 -2.83 -13.12
N ILE A 121 17.94 -1.50 -12.97
CA ILE A 121 16.74 -0.69 -12.83
C ILE A 121 16.57 0.01 -14.19
N SER A 122 15.50 -0.33 -14.90
CA SER A 122 15.19 0.19 -16.24
C SER A 122 14.28 1.40 -16.00
N ILE A 123 14.47 2.47 -16.76
CA ILE A 123 13.77 3.75 -16.54
C ILE A 123 13.08 4.13 -17.84
N PHE A 124 11.77 4.44 -17.76
CA PHE A 124 10.97 4.82 -18.93
C PHE A 124 10.35 6.16 -18.74
N VAL A 125 10.27 6.92 -19.84
CA VAL A 125 9.59 8.22 -19.80
C VAL A 125 8.50 8.18 -20.85
N ASN A 126 7.24 8.33 -20.46
CA ASN A 126 6.13 8.33 -21.43
C ASN A 126 6.12 7.06 -22.25
N GLY A 127 6.46 5.99 -21.54
CA GLY A 127 6.39 4.62 -22.10
C GLY A 127 7.64 4.17 -22.84
N ALA A 128 8.52 5.12 -23.21
CA ALA A 128 9.73 4.78 -23.99
C ALA A 128 10.92 4.55 -23.07
N HIS A 129 11.71 3.55 -23.40
CA HIS A 129 12.91 3.31 -22.60
C HIS A 129 13.84 4.52 -22.64
N PHE A 130 14.26 4.95 -21.46
CA PHE A 130 15.16 6.12 -21.34
C PHE A 130 16.57 5.68 -20.96
N ALA A 131 16.72 4.88 -19.90
CA ALA A 131 18.07 4.46 -19.50
C ALA A 131 17.97 3.25 -18.61
N ASP A 132 19.03 2.47 -18.58
CA ASP A 132 19.23 1.48 -17.54
C ASP A 132 20.24 1.97 -16.50
N PHE A 133 20.03 1.53 -15.25
CA PHE A 133 21.00 1.77 -14.20
C PHE A 133 21.34 0.39 -13.63
N VAL A 134 22.60 0.02 -13.64
CA VAL A 134 23.01 -1.26 -13.07
C VAL A 134 23.29 -1.02 -11.59
N GLU A 135 22.47 -1.57 -10.71
CA GLU A 135 22.59 -1.23 -9.29
C GLU A 135 23.94 -1.74 -8.71
N ARG A 136 24.40 -1.01 -7.70
CA ARG A 136 25.68 -1.27 -7.07
C ARG A 136 25.54 -1.84 -5.66
N THR A 137 24.30 -1.84 -5.16
CA THR A 137 23.89 -2.34 -3.81
C THR A 137 22.51 -2.99 -4.05
N PRO A 138 22.16 -4.08 -3.31
CA PRO A 138 20.93 -4.78 -3.66
C PRO A 138 19.66 -3.93 -3.46
N SER A 139 18.85 -3.87 -4.49
CA SER A 139 17.56 -3.16 -4.41
C SER A 139 16.52 -3.90 -3.58
N HIS A 140 16.75 -5.17 -3.24
CA HIS A 140 15.86 -5.85 -2.22
C HIS A 140 15.81 -5.13 -0.87
N GLY A 141 16.84 -4.33 -0.57
CA GLY A 141 16.88 -3.66 0.74
C GLY A 141 16.20 -2.31 0.74
N VAL A 142 15.69 -1.85 -0.41
CA VAL A 142 15.05 -0.54 -0.47
C VAL A 142 13.87 -0.51 0.48
N HIS A 143 13.78 0.58 1.26
CA HIS A 143 12.66 0.72 2.23
C HIS A 143 11.95 2.04 2.09
N LEU A 144 12.46 2.95 1.25
CA LEU A 144 11.84 4.28 1.14
C LEU A 144 12.02 4.83 -0.26
N ILE A 145 10.95 5.44 -0.78
CA ILE A 145 10.99 6.19 -2.02
C ILE A 145 10.89 7.67 -1.64
N GLU A 146 11.91 8.45 -2.01
CA GLU A 146 11.94 9.90 -1.69
C GLU A 146 11.88 10.72 -2.98
N ILE A 147 11.03 11.74 -3.01
CA ILE A 147 10.93 12.60 -4.19
C ILE A 147 11.09 14.03 -3.67
N GLU A 148 12.08 14.75 -4.20
CA GLU A 148 12.35 16.11 -3.70
C GLU A 148 12.67 17.05 -4.84
N GLY A 149 12.53 18.34 -4.54
CA GLY A 149 13.05 19.38 -5.46
C GLY A 149 11.94 20.00 -6.29
N GLY A 150 12.31 20.51 -7.46
CA GLY A 150 11.33 21.29 -8.27
C GLY A 150 10.47 20.39 -9.10
N VAL A 151 9.53 19.75 -8.42
CA VAL A 151 8.66 18.77 -9.10
C VAL A 151 7.36 18.67 -8.34
N HIS A 152 6.25 18.56 -9.10
CA HIS A 152 4.95 18.27 -8.52
C HIS A 152 4.64 16.83 -8.83
N VAL A 153 4.25 16.07 -7.80
CA VAL A 153 3.88 14.66 -8.05
C VAL A 153 2.35 14.59 -8.12
N HIS A 154 1.84 14.25 -9.31
CA HIS A 154 0.41 14.03 -9.44
C HIS A 154 0.02 12.65 -8.88
N SER A 155 0.81 11.60 -9.19
CA SER A 155 0.43 10.23 -8.67
C SER A 155 1.65 9.40 -8.52
N ALA A 156 1.60 8.45 -7.59
CA ALA A 156 2.70 7.51 -7.38
C ALA A 156 2.12 6.12 -7.11
N HIS A 157 2.67 5.09 -7.80
CA HIS A 157 2.13 3.74 -7.74
C HIS A 157 3.23 2.77 -7.71
N VAL A 158 3.07 1.68 -6.92
CA VAL A 158 4.05 0.60 -6.89
C VAL A 158 3.31 -0.70 -7.18
N SER A 159 3.87 -1.50 -8.07
CA SER A 159 3.37 -2.88 -8.18
C SER A 159 4.56 -3.76 -8.01
N HIS A 160 4.41 -4.79 -7.22
CA HIS A 160 5.46 -5.73 -7.03
C HIS A 160 5.29 -6.86 -7.98
N GLY B 21 2.72 9.43 6.43
CA GLY B 21 1.33 9.74 6.03
C GLY B 21 0.81 8.67 5.08
N ILE B 22 1.56 8.37 4.03
CA ILE B 22 1.17 7.32 3.08
C ILE B 22 2.31 6.27 2.94
N SER B 23 1.95 5.07 2.49
CA SER B 23 2.90 3.96 2.43
C SER B 23 2.55 2.94 1.37
N PHE B 24 3.56 2.46 0.68
CA PHE B 24 3.35 1.39 -0.28
C PHE B 24 3.46 0.02 0.36
N ARG B 25 3.58 -0.02 1.71
CA ARG B 25 3.65 -1.34 2.40
C ARG B 25 2.25 -1.89 2.63
N ASN B 26 1.68 -2.42 1.53
CA ASN B 26 0.31 -2.92 1.53
C ASN B 26 0.19 -4.26 2.24
N GLU B 27 1.31 -4.88 2.62
CA GLU B 27 1.29 -6.15 3.41
C GLU B 27 2.22 -5.93 4.57
N PHE B 28 1.77 -6.31 5.75
CA PHE B 28 2.61 -6.18 6.95
C PHE B 28 2.30 -7.32 7.88
N PHE B 29 3.22 -7.54 8.83
CA PHE B 29 3.24 -8.78 9.62
C PHE B 29 3.27 -8.46 11.09
N ASN B 30 2.65 -9.37 11.86
CA ASN B 30 2.67 -9.34 13.33
C ASN B 30 2.34 -7.96 13.95
N PRO B 31 1.28 -7.29 13.44
CA PRO B 31 0.90 -6.04 14.18
C PRO B 31 0.29 -6.44 15.51
N GLN B 32 0.38 -5.60 16.52
CA GLN B 32 -0.22 -5.90 17.85
C GLN B 32 -1.72 -5.58 17.79
N THR B 33 -2.52 -6.45 18.39
CA THR B 33 -3.98 -6.21 18.53
C THR B 33 -4.13 -5.21 19.73
N PRO B 34 -4.98 -4.17 19.62
CA PRO B 34 -5.85 -3.89 18.50
C PRO B 34 -5.11 -3.21 17.33
N VAL B 35 -5.49 -3.63 16.12
CA VAL B 35 -4.86 -3.14 14.91
C VAL B 35 -5.77 -2.09 14.33
N ASN B 36 -5.18 -0.93 14.00
CA ASN B 36 -5.92 0.16 13.36
C ASN B 36 -5.21 0.39 12.03
N ILE B 37 -5.92 0.23 10.92
CA ILE B 37 -5.29 0.27 9.61
C ILE B 37 -5.99 1.38 8.80
N PRO B 38 -5.40 2.58 8.69
CA PRO B 38 -5.93 3.64 7.77
C PRO B 38 -5.74 3.14 6.33
N VAL B 39 -6.83 3.21 5.58
CA VAL B 39 -6.88 2.74 4.18
C VAL B 39 -7.56 3.71 3.23
N GLN B 40 -7.31 3.50 1.93
CA GLN B 40 -8.11 4.13 0.89
C GLN B 40 -8.23 3.16 -0.27
N GLY B 41 -9.13 3.48 -1.17
CA GLY B 41 -9.25 2.72 -2.41
C GLY B 41 -10.06 1.46 -2.29
N PHE B 42 -10.95 1.40 -1.31
CA PHE B 42 -11.83 0.26 -1.15
C PHE B 42 -13.02 0.29 -2.14
N SER B 43 -12.72 -0.06 -3.36
CA SER B 43 -13.67 -0.01 -4.43
C SER B 43 -14.01 -1.45 -4.88
N ASN B 44 -14.86 -1.54 -5.90
CA ASN B 44 -15.26 -2.88 -6.37
C ASN B 44 -13.98 -3.65 -6.80
N GLY B 45 -13.80 -4.85 -6.24
CA GLY B 45 -12.67 -5.73 -6.50
C GLY B 45 -11.63 -5.64 -5.40
N ALA B 46 -11.74 -4.66 -4.51
CA ALA B 46 -10.74 -4.57 -3.40
C ALA B 46 -10.84 -5.78 -2.45
N ARG B 47 -9.68 -6.26 -1.98
CA ARG B 47 -9.56 -7.49 -1.18
C ARG B 47 -8.72 -7.17 0.06
N LEU B 48 -9.29 -7.48 1.23
CA LEU B 48 -8.53 -7.49 2.47
C LEU B 48 -8.26 -8.97 2.82
N ARG B 49 -6.99 -9.35 3.00
CA ARG B 49 -6.67 -10.71 3.38
C ARG B 49 -5.94 -10.65 4.71
N LEU B 50 -6.44 -11.41 5.70
CA LEU B 50 -5.83 -11.49 7.01
C LEU B 50 -5.45 -12.97 7.27
N VAL B 51 -4.26 -13.21 7.82
CA VAL B 51 -3.92 -14.52 8.39
C VAL B 51 -3.99 -14.33 9.89
N LEU B 52 -4.88 -15.10 10.51
CA LEU B 52 -5.20 -14.87 11.95
C LEU B 52 -5.18 -16.13 12.76
N LEU B 53 -5.02 -15.98 14.07
CA LEU B 53 -5.08 -17.10 14.99
C LEU B 53 -5.94 -16.63 16.15
N PRO B 54 -7.16 -17.17 16.31
CA PRO B 54 -7.95 -16.74 17.46
C PRO B 54 -7.27 -17.23 18.76
N THR B 55 -7.36 -16.44 19.84
CA THR B 55 -6.66 -16.79 21.06
C THR B 55 -7.68 -16.91 22.15
N SER B 56 -7.25 -17.44 23.28
CA SER B 56 -8.12 -17.63 24.44
C SER B 56 -8.18 -16.35 25.24
N ALA B 57 -7.54 -15.29 24.74
CA ALA B 57 -7.47 -14.02 25.51
C ALA B 57 -8.85 -13.37 25.71
N ASP B 58 -9.77 -13.59 24.78
CA ASP B 58 -11.09 -13.00 24.86
C ASP B 58 -11.94 -14.01 24.10
N SER B 59 -13.21 -14.16 24.49
CA SER B 59 -14.11 -15.10 23.82
C SER B 59 -14.64 -14.58 22.49
N ARG B 60 -14.28 -13.34 22.12
CA ARG B 60 -14.70 -12.75 20.82
C ARG B 60 -13.58 -12.00 20.16
N PHE B 61 -13.64 -11.93 18.86
CA PHE B 61 -12.85 -10.95 18.12
C PHE B 61 -13.68 -10.36 17.00
N HIS B 62 -13.28 -9.20 16.50
CA HIS B 62 -14.00 -8.64 15.39
C HIS B 62 -13.08 -7.89 14.44
N ILE B 63 -13.59 -7.74 13.21
CA ILE B 63 -13.00 -6.90 12.16
C ILE B 63 -14.12 -5.88 11.85
N ASN B 64 -13.79 -4.58 11.92
CA ASN B 64 -14.69 -3.55 11.37
C ASN B 64 -14.11 -2.91 10.14
N LEU B 65 -14.96 -2.74 9.13
CA LEU B 65 -14.65 -1.88 7.97
C LEU B 65 -15.48 -0.62 8.12
N ARG B 66 -14.80 0.50 8.34
CA ARG B 66 -15.49 1.73 8.61
C ARG B 66 -15.31 2.81 7.60
N THR B 67 -16.37 3.58 7.39
CA THR B 67 -16.24 4.92 6.79
C THR B 67 -16.06 5.96 7.93
N PRO B 68 -15.81 7.25 7.58
CA PRO B 68 -15.70 8.18 8.70
C PRO B 68 -17.01 8.34 9.51
N ASP B 69 -18.15 7.97 8.94
CA ASP B 69 -19.44 8.12 9.59
C ASP B 69 -20.06 6.85 10.18
N ASP B 70 -19.64 5.66 9.74
CA ASP B 70 -20.35 4.44 10.16
C ASP B 70 -19.55 3.21 9.95
N ILE B 71 -19.94 2.14 10.66
CA ILE B 71 -19.38 0.79 10.37
C ILE B 71 -20.13 0.19 9.18
N VAL B 72 -19.44 -0.07 8.06
CA VAL B 72 -20.07 -0.74 6.92
C VAL B 72 -20.27 -2.24 7.24
N LEU B 73 -19.27 -2.86 7.82
CA LEU B 73 -19.32 -4.29 8.23
C LEU B 73 -18.56 -4.46 9.51
N HIS B 74 -19.25 -5.02 10.49
CA HIS B 74 -18.69 -5.49 11.74
C HIS B 74 -18.82 -7.00 11.68
N PHE B 75 -17.69 -7.71 11.56
CA PHE B 75 -17.66 -9.17 11.42
C PHE B 75 -17.19 -9.64 12.80
N ASN B 76 -18.05 -10.30 13.56
CA ASN B 76 -17.69 -10.61 14.94
C ASN B 76 -17.75 -12.13 15.20
N ALA B 77 -16.58 -12.74 15.47
CA ALA B 77 -16.52 -14.17 15.80
C ALA B 77 -16.79 -14.30 17.27
N ARG B 78 -17.67 -15.21 17.64
CA ARG B 78 -18.02 -15.35 19.05
C ARG B 78 -17.91 -16.78 19.55
N PHE B 79 -16.85 -17.07 20.30
CA PHE B 79 -16.69 -18.38 20.93
C PHE B 79 -17.64 -18.62 22.08
N ASP B 80 -18.09 -17.54 22.71
CA ASP B 80 -19.03 -17.69 23.82
C ASP B 80 -20.40 -18.12 23.30
N GLU B 81 -20.84 -17.57 22.17
CA GLU B 81 -22.15 -17.91 21.62
C GLU B 81 -22.10 -19.00 20.56
N GLY B 82 -20.89 -19.28 20.05
CA GLY B 82 -20.78 -20.22 18.95
C GLY B 82 -21.36 -19.73 17.63
N ALA B 83 -21.00 -18.50 17.23
CA ALA B 83 -21.55 -17.85 16.04
C ALA B 83 -20.63 -16.82 15.53
N VAL B 84 -20.78 -16.52 14.25
CA VAL B 84 -20.32 -15.23 13.72
C VAL B 84 -21.55 -14.34 13.56
N VAL B 85 -21.45 -13.09 14.03
CA VAL B 85 -22.52 -12.13 13.78
C VAL B 85 -21.94 -10.99 12.92
N ASN B 86 -22.60 -10.70 11.79
CA ASN B 86 -22.29 -9.54 10.98
C ASN B 86 -23.34 -8.44 11.18
N ASN B 87 -22.87 -7.20 11.24
CA ASN B 87 -23.85 -6.09 11.31
C ASN B 87 -23.18 -4.82 10.82
N SER B 88 -23.85 -3.70 10.92
CA SER B 88 -23.38 -2.43 10.42
C SER B 88 -24.06 -1.36 11.28
N THR B 89 -23.61 -0.12 11.15
CA THR B 89 -24.26 0.99 11.86
C THR B 89 -24.78 2.06 10.90
N SER B 90 -25.88 2.69 11.32
CA SER B 90 -26.35 3.92 10.70
C SER B 90 -26.52 4.95 11.81
N GLY B 91 -25.93 6.14 11.63
CA GLY B 91 -25.85 7.16 12.69
C GLY B 91 -25.29 6.65 14.02
N GLY B 92 -24.35 5.69 13.96
CA GLY B 92 -23.80 5.07 15.16
C GLY B 92 -24.64 3.98 15.83
N GLY B 93 -25.85 3.72 15.32
CA GLY B 93 -26.71 2.65 15.88
C GLY B 93 -26.66 1.36 15.06
N TRP B 94 -26.67 0.20 15.73
CA TRP B 94 -26.64 -1.10 15.06
C TRP B 94 -27.88 -1.29 14.26
N GLN B 95 -27.72 -1.97 13.12
CA GLN B 95 -28.81 -2.36 12.26
C GLN B 95 -29.17 -3.82 12.46
N SER B 96 -29.68 -4.54 11.46
CA SER B 96 -30.18 -5.90 11.65
C SER B 96 -29.01 -6.88 11.50
N GLU B 97 -28.94 -7.87 12.40
CA GLU B 97 -27.84 -8.89 12.35
C GLU B 97 -28.00 -9.91 11.24
N ASP B 98 -26.88 -10.39 10.73
CA ASP B 98 -26.81 -11.68 10.06
C ASP B 98 -26.02 -12.54 10.99
N ARG B 99 -26.50 -13.74 11.24
CA ARG B 99 -25.85 -14.66 12.16
C ARG B 99 -25.55 -15.96 11.41
N HIS B 100 -24.31 -16.42 11.58
CA HIS B 100 -23.81 -17.61 10.89
C HIS B 100 -23.17 -18.53 11.88
N ALA B 101 -22.87 -19.76 11.43
CA ALA B 101 -22.04 -20.67 12.27
C ALA B 101 -20.67 -20.02 12.49
N ASN B 102 -19.97 -20.44 13.56
CA ASN B 102 -18.59 -20.01 13.77
C ASN B 102 -17.62 -21.00 13.05
N PRO B 103 -16.92 -20.51 12.00
CA PRO B 103 -16.02 -21.37 11.24
C PRO B 103 -14.65 -21.47 11.92
N PHE B 104 -14.43 -20.77 13.03
CA PHE B 104 -13.11 -20.71 13.64
C PHE B 104 -13.02 -21.56 14.89
N GLN B 105 -11.81 -22.04 15.17
CA GLN B 105 -11.52 -22.71 16.47
C GLN B 105 -10.34 -21.93 17.05
N GLN B 106 -10.24 -21.87 18.38
CA GLN B 106 -9.13 -21.17 19.00
C GLN B 106 -7.83 -21.94 18.73
N ASN B 107 -6.73 -21.20 18.55
CA ASN B 107 -5.40 -21.78 18.34
C ASN B 107 -5.24 -22.58 17.03
N LYS B 108 -6.09 -22.28 16.03
CA LYS B 108 -5.89 -22.74 14.64
C LYS B 108 -5.70 -21.49 13.78
N ILE B 109 -5.04 -21.69 12.64
CA ILE B 109 -4.72 -20.63 11.72
C ILE B 109 -5.75 -20.51 10.62
N TYR B 110 -6.16 -19.29 10.31
CA TYR B 110 -7.16 -19.06 9.22
C TYR B 110 -6.73 -17.91 8.36
N THR B 111 -6.98 -18.06 7.05
CA THR B 111 -6.89 -16.92 6.15
C THR B 111 -8.32 -16.43 5.92
N LEU B 112 -8.58 -15.19 6.32
CA LEU B 112 -9.91 -14.61 6.24
C LEU B 112 -9.83 -13.51 5.21
N GLU B 113 -10.72 -13.52 4.22
CA GLU B 113 -10.68 -12.49 3.16
C GLU B 113 -12.03 -11.84 2.99
N PHE B 114 -12.00 -10.53 2.82
CA PHE B 114 -13.19 -9.75 2.54
C PHE B 114 -13.01 -9.13 1.17
N VAL B 115 -14.00 -9.30 0.29
CA VAL B 115 -13.88 -8.84 -1.10
C VAL B 115 -15.05 -7.91 -1.39
N SER B 116 -14.76 -6.67 -1.75
CA SER B 116 -15.87 -5.78 -2.16
C SER B 116 -16.33 -6.07 -3.58
N ASN B 117 -17.64 -6.34 -3.76
CA ASN B 117 -18.15 -6.55 -5.10
C ASN B 117 -19.15 -5.43 -5.47
N GLY B 118 -18.94 -4.22 -4.94
CA GLY B 118 -19.79 -3.06 -5.35
C GLY B 118 -21.19 -3.13 -4.79
N GLY B 119 -21.28 -3.50 -3.52
CA GLY B 119 -22.56 -3.54 -2.81
C GLY B 119 -22.77 -4.79 -1.97
N ILE B 120 -22.07 -5.85 -2.28
CA ILE B 120 -22.05 -7.11 -1.50
C ILE B 120 -20.58 -7.33 -1.16
N ILE B 121 -20.29 -7.55 0.12
CA ILE B 121 -18.95 -7.94 0.56
C ILE B 121 -18.98 -9.46 0.72
N SER B 122 -18.08 -10.15 -0.03
CA SER B 122 -18.01 -11.59 0.03
C SER B 122 -16.88 -11.99 0.97
N ILE B 123 -17.16 -12.92 1.88
CA ILE B 123 -16.20 -13.27 2.93
C ILE B 123 -15.80 -14.75 2.73
N PHE B 124 -14.49 -15.00 2.77
CA PHE B 124 -13.92 -16.34 2.58
C PHE B 124 -13.09 -16.74 3.78
N VAL B 125 -13.12 -18.03 4.10
CA VAL B 125 -12.24 -18.54 5.17
C VAL B 125 -11.51 -19.75 4.60
N ASN B 126 -10.16 -19.69 4.61
CA ASN B 126 -9.35 -20.79 4.05
C ASN B 126 -9.75 -21.16 2.65
N GLY B 127 -9.97 -20.08 1.90
CA GLY B 127 -10.25 -20.18 0.46
C GLY B 127 -11.68 -20.59 0.09
N ALA B 128 -12.54 -20.91 1.06
CA ALA B 128 -13.93 -21.34 0.79
C ALA B 128 -14.85 -20.17 1.08
N HIS B 129 -15.87 -20.01 0.25
CA HIS B 129 -16.86 -18.98 0.57
C HIS B 129 -17.53 -19.24 1.89
N PHE B 130 -17.60 -18.19 2.72
CA PHE B 130 -18.20 -18.32 4.07
C PHE B 130 -19.59 -17.66 4.09
N ALA B 131 -19.66 -16.41 3.64
CA ALA B 131 -20.93 -15.66 3.66
C ALA B 131 -20.79 -14.44 2.79
N ASP B 132 -21.92 -13.99 2.25
CA ASP B 132 -22.03 -12.64 1.69
C ASP B 132 -22.67 -11.73 2.72
N PHE B 133 -22.31 -10.47 2.67
CA PHE B 133 -22.94 -9.45 3.46
C PHE B 133 -23.41 -8.36 2.53
N VAL B 134 -24.72 -8.09 2.51
CA VAL B 134 -25.24 -7.04 1.67
C VAL B 134 -25.04 -5.70 2.37
N GLU B 135 -24.24 -4.81 1.79
CA GLU B 135 -24.01 -3.50 2.42
C GLU B 135 -25.31 -2.74 2.61
N ARG B 136 -25.36 -2.03 3.73
CA ARG B 136 -26.52 -1.17 4.11
C ARG B 136 -26.18 0.30 3.87
N THR B 137 -24.91 0.59 3.62
CA THR B 137 -24.49 1.94 3.23
C THR B 137 -23.30 1.76 2.28
N PRO B 138 -23.09 2.71 1.36
CA PRO B 138 -22.00 2.48 0.39
C PRO B 138 -20.66 2.43 1.06
N SER B 139 -19.76 1.65 0.49
CA SER B 139 -18.48 1.43 1.14
C SER B 139 -17.32 2.08 0.42
N HIS B 140 -17.62 2.90 -0.62
CA HIS B 140 -16.58 3.52 -1.43
C HIS B 140 -15.59 4.22 -0.55
N GLY B 141 -16.11 4.85 0.52
CA GLY B 141 -15.32 5.69 1.37
C GLY B 141 -14.79 5.07 2.64
N VAL B 142 -14.72 3.72 2.68
CA VAL B 142 -14.09 3.07 3.80
C VAL B 142 -12.69 3.64 3.98
N HIS B 143 -12.37 4.04 5.20
CA HIS B 143 -11.10 4.69 5.45
C HIS B 143 -10.35 4.02 6.60
N LEU B 144 -10.94 3.05 7.29
CA LEU B 144 -10.30 2.52 8.51
C LEU B 144 -10.74 1.07 8.67
N ILE B 145 -9.76 0.19 8.86
CA ILE B 145 -10.01 -1.21 9.29
C ILE B 145 -9.56 -1.40 10.74
N GLU B 146 -10.42 -1.97 11.59
CA GLU B 146 -10.03 -2.24 12.93
C GLU B 146 -10.08 -3.73 13.15
N ILE B 147 -9.09 -4.26 13.87
CA ILE B 147 -9.06 -5.69 14.26
C ILE B 147 -8.86 -5.74 15.75
N GLU B 148 -9.84 -6.27 16.45
CA GLU B 148 -9.83 -6.18 17.94
C GLU B 148 -10.25 -7.51 18.61
N GLY B 149 -9.81 -7.70 19.84
CA GLY B 149 -10.31 -8.81 20.64
C GLY B 149 -9.34 -9.97 20.71
N GLY B 150 -9.91 -11.17 20.86
CA GLY B 150 -9.11 -12.38 21.16
C GLY B 150 -8.55 -12.96 19.84
N VAL B 151 -7.57 -12.28 19.24
CA VAL B 151 -7.03 -12.70 17.95
C VAL B 151 -5.60 -12.18 17.82
N HIS B 152 -4.77 -13.05 17.24
CA HIS B 152 -3.42 -12.72 16.85
C HIS B 152 -3.43 -12.55 15.34
N VAL B 153 -2.88 -11.44 14.86
CA VAL B 153 -2.81 -11.21 13.41
C VAL B 153 -1.38 -11.51 12.97
N HIS B 154 -1.24 -12.55 12.14
CA HIS B 154 0.05 -12.82 11.57
C HIS B 154 0.34 -11.86 10.41
N SER B 155 -0.63 -11.65 9.54
CA SER B 155 -0.43 -10.67 8.45
C SER B 155 -1.70 -10.04 8.00
N ALA B 156 -1.55 -8.85 7.41
CA ALA B 156 -2.67 -8.12 6.79
C ALA B 156 -2.18 -7.67 5.44
N HIS B 157 -3.05 -7.76 4.45
CA HIS B 157 -2.67 -7.46 3.06
C HIS B 157 -3.84 -6.82 2.37
N VAL B 158 -3.61 -5.66 1.75
CA VAL B 158 -4.66 -5.03 0.96
C VAL B 158 -4.24 -5.05 -0.52
N SER B 159 -5.19 -5.35 -1.41
CA SER B 159 -4.90 -5.44 -2.86
C SER B 159 -6.17 -5.45 -3.64
N HIS B 160 -6.08 -5.65 -4.95
CA HIS B 160 -7.19 -5.93 -5.84
C HIS B 160 -6.86 -7.24 -6.54
C1 FUC C . 28.26 19.54 -9.03
C2 FUC C . 27.78 18.36 -10.00
C3 FUC C . 28.29 16.97 -9.51
C4 FUC C . 28.26 16.79 -7.96
C5 FUC C . 29.28 17.74 -7.30
C6 FUC C . 29.15 17.52 -5.80
O1 FUC C . 28.94 20.55 -9.76
O2 FUC C . 27.94 18.59 -11.51
O3 FUC C . 27.42 16.07 -10.08
O4 FUC C . 26.87 17.09 -7.43
O5 FUC C . 28.89 19.12 -7.67
C1 GAL C . 26.26 16.15 -6.57
C2 GAL C . 24.94 16.78 -6.02
C3 GAL C . 24.16 15.79 -5.25
C4 GAL C . 23.95 14.53 -6.11
C5 GAL C . 25.33 14.04 -6.61
C6 GAL C . 25.18 12.76 -7.48
O2 GAL C . 25.29 17.86 -5.18
O3 GAL C . 22.84 16.32 -4.94
O4 GAL C . 23.09 14.84 -7.23
O5 GAL C . 25.94 15.02 -7.38
O6 GAL C . 26.49 12.35 -7.92
C1 FUC D . -26.49 -10.42 22.87
C2 FUC D . -25.97 -10.72 21.46
C3 FUC D . -26.49 -9.69 20.40
C4 FUC D . -26.17 -8.22 20.77
C5 FUC D . -26.77 -8.01 22.17
C6 FUC D . -26.53 -6.59 22.72
O1 FUC D . -27.88 -10.75 22.88
O2 FUC D . -26.30 -12.07 21.06
O3 FUC D . -25.89 -10.09 19.17
O4 FUC D . -24.69 -8.11 20.87
O5 FUC D . -26.26 -9.04 23.14
C1 GAL D . -24.17 -6.96 20.18
C2 GAL D . -22.73 -6.79 20.67
C3 GAL D . -21.98 -5.69 19.88
C4 GAL D . -22.09 -6.02 18.36
C5 GAL D . -23.60 -6.18 18.03
C6 GAL D . -23.86 -6.55 16.58
O2 GAL D . -22.74 -6.48 22.11
O3 GAL D . -20.61 -5.78 20.33
O4 GAL D . -21.41 -7.24 18.06
O5 GAL D . -24.17 -7.26 18.81
O6 GAL D . -25.27 -6.54 16.38
MG MG E . 16.03 27.82 -4.14
MG MG F . -19.23 -7.44 -10.11
MG MG G . -16.07 -7.84 -10.45
#